data_4FGK
#
_entry.id   4FGK
#
_cell.length_a   56.370
_cell.length_b   83.110
_cell.length_c   106.580
_cell.angle_alpha   90.000
_cell.angle_beta   90.000
_cell.angle_gamma   90.000
#
_symmetry.space_group_name_H-M   'P 21 21 21'
#
loop_
_entity.id
_entity.type
_entity.pdbx_description
1 polymer 'Ribosyldihydronicotinamide dehydrogenase [quinone]'
2 non-polymer 'FLAVIN-ADENINE DINUCLEOTIDE'
3 non-polymer (4S)-N~4~-(7-chloroquinolin-4-yl)-N~1~,N~1~-diethylpentane-1,4-diamine
4 non-polymer 'ZINC ION'
5 water water
#
_entity_poly.entity_id   1
_entity_poly.type   'polypeptide(L)'
_entity_poly.pdbx_seq_one_letter_code
;GAMAGKKVLIVYAHQEPKSFNGSLKNVAVDELSRQGCTVTVSDLYAMNFEPRATDKDITGTLSNPEVFNYGVETHEAYKQ
RSLASDITDEQKKVREADLVIFQFPLYWFSVPAILKGWMDRVLCQGFAFDIPGFYDSGLLQGKLALLSVTTGGTAEMYTK
TGVNGDSRYFLWPLQHGTLHFCGFKVLAPQISFAPEIASEEERKGMVAAWSQRLQTIWKEEPIPCTAHWHFGQ
;
_entity_poly.pdbx_strand_id   A,B
#
loop_
_chem_comp.id
_chem_comp.type
_chem_comp.name
_chem_comp.formula
0TX non-polymer (4S)-N~4~-(7-chloroquinolin-4-yl)-N~1~,N~1~-diethylpentane-1,4-diamine 'C18 H26 Cl N3'
FAD non-polymer 'FLAVIN-ADENINE DINUCLEOTIDE' 'C27 H33 N9 O15 P2'
ZN non-polymer 'ZINC ION' 'Zn 2'
#
# COMPACT_ATOMS: atom_id res chain seq x y z
N ALA A 4 9.78 -24.97 -3.39
N ALA A 4 18.44 -28.73 -8.30
CA ALA A 4 9.17 -26.08 -4.11
CA ALA A 4 17.98 -27.40 -8.69
C ALA A 4 9.86 -26.31 -5.45
C ALA A 4 16.63 -27.46 -9.40
N GLY A 5 11.00 -25.64 -5.65
N GLY A 5 16.50 -26.65 -10.45
CA GLY A 5 11.75 -25.70 -6.89
CA GLY A 5 15.25 -26.57 -11.20
C GLY A 5 12.59 -24.44 -7.03
C GLY A 5 14.32 -25.53 -10.64
N LYS A 6 13.22 -24.24 -8.18
N LYS A 6 14.87 -24.62 -9.84
CA LYS A 6 14.07 -23.05 -8.38
CA LYS A 6 14.07 -23.61 -9.12
C LYS A 6 13.68 -22.15 -9.55
C LYS A 6 13.56 -22.50 -10.03
N LYS A 7 12.38 -21.97 -9.72
CA LYS A 7 11.82 -20.95 -10.59
C LYS A 7 11.59 -19.66 -9.77
N VAL A 8 12.00 -18.54 -10.35
CA VAL A 8 11.93 -17.27 -9.67
C VAL A 8 11.16 -16.25 -10.52
N LEU A 9 10.28 -15.52 -9.88
CA LEU A 9 9.62 -14.35 -10.45
C LEU A 9 10.11 -13.12 -9.71
N ILE A 10 10.62 -12.13 -10.43
CA ILE A 10 10.92 -10.82 -9.85
C ILE A 10 9.87 -9.82 -10.29
N VAL A 11 9.16 -9.24 -9.33
CA VAL A 11 8.19 -8.18 -9.63
C VAL A 11 8.89 -6.89 -9.28
N TYR A 12 9.15 -6.09 -10.31
CA TYR A 12 10.07 -4.98 -10.28
C TYR A 12 9.30 -3.69 -10.54
N ALA A 13 9.49 -2.70 -9.66
CA ALA A 13 8.76 -1.45 -9.73
C ALA A 13 9.68 -0.24 -9.65
N HIS A 14 10.36 0.06 -10.74
CA HIS A 14 11.09 1.32 -10.85
C HIS A 14 11.04 1.80 -12.29
N GLN A 15 10.97 3.11 -12.46
CA GLN A 15 10.82 3.74 -13.77
C GLN A 15 12.07 3.76 -14.63
N GLU A 16 13.22 3.62 -14.00
CA GLU A 16 14.52 3.97 -14.60
C GLU A 16 15.46 2.77 -14.60
N PRO A 17 15.79 2.25 -15.80
CA PRO A 17 16.68 1.09 -15.86
C PRO A 17 18.04 1.28 -15.19
N LYS A 18 18.53 2.52 -15.17
CA LYS A 18 19.86 2.82 -14.62
C LYS A 18 19.81 3.07 -13.11
N SER A 19 18.65 2.90 -12.50
CA SER A 19 18.50 3.19 -11.08
C SER A 19 19.18 2.16 -10.21
N PHE A 20 19.33 2.49 -8.93
CA PHE A 20 19.84 1.52 -7.95
C PHE A 20 18.92 0.29 -7.89
N ASN A 21 17.60 0.50 -7.88
CA ASN A 21 16.65 -0.61 -7.98
C ASN A 21 16.89 -1.45 -9.23
N GLY A 22 17.07 -0.77 -10.35
CA GLY A 22 17.39 -1.46 -11.60
C GLY A 22 18.61 -2.35 -11.48
N SER A 23 19.65 -1.84 -10.84
CA SER A 23 20.87 -2.62 -10.66
C SER A 23 20.63 -3.81 -9.75
N LEU A 24 19.83 -3.65 -8.70
CA LEU A 24 19.55 -4.77 -7.80
C LEU A 24 18.75 -5.85 -8.55
N LYS A 25 17.80 -5.43 -9.37
CA LYS A 25 17.03 -6.35 -10.20
C LYS A 25 17.97 -7.08 -11.17
N ASN A 26 18.86 -6.33 -11.81
CA ASN A 26 19.75 -6.92 -12.82
C ASN A 26 20.73 -7.91 -12.21
N VAL A 27 21.24 -7.61 -11.03
CA VAL A 27 22.15 -8.52 -10.34
C VAL A 27 21.45 -9.79 -9.92
N ALA A 28 20.17 -9.67 -9.56
CA ALA A 28 19.39 -10.84 -9.22
C ALA A 28 19.19 -11.72 -10.46
N VAL A 29 18.82 -11.11 -11.57
CA VAL A 29 18.71 -11.86 -12.82
C VAL A 29 20.03 -12.55 -13.13
N ASP A 30 21.13 -11.79 -13.09
CA ASP A 30 22.45 -12.34 -13.44
C ASP A 30 22.80 -13.53 -12.54
N GLU A 31 22.66 -13.37 -11.22
CA GLU A 31 23.14 -14.39 -10.29
C GLU A 31 22.24 -15.62 -10.30
N LEU A 32 20.93 -15.41 -10.28
CA LEU A 32 20.00 -16.53 -10.37
C LEU A 32 20.11 -17.25 -11.73
N SER A 33 20.33 -16.50 -12.81
CA SER A 33 20.55 -17.10 -14.13
C SER A 33 21.81 -17.96 -14.12
N ARG A 34 22.88 -17.42 -13.55
CA ARG A 34 24.16 -18.13 -13.43
C ARG A 34 24.00 -19.45 -12.69
N GLN A 35 23.17 -19.47 -11.65
CA GLN A 35 22.92 -20.68 -10.89
C GLN A 35 22.17 -21.75 -11.67
N GLY A 36 21.55 -21.35 -12.77
CA GLY A 36 20.74 -22.25 -13.56
C GLY A 36 19.25 -22.18 -13.27
N CYS A 37 18.84 -21.20 -12.45
CA CYS A 37 17.44 -21.01 -12.14
C CYS A 37 16.68 -20.48 -13.35
N THR A 38 15.39 -20.77 -13.36
CA THR A 38 14.45 -20.20 -14.31
C THR A 38 14.00 -18.85 -13.77
N VAL A 39 14.18 -17.80 -14.55
CA VAL A 39 13.93 -16.45 -14.07
C VAL A 39 12.97 -15.69 -14.99
N THR A 40 11.98 -15.03 -14.40
CA THR A 40 11.04 -14.20 -15.12
C THR A 40 10.94 -12.88 -14.37
N VAL A 41 10.82 -11.77 -15.10
CA VAL A 41 10.70 -10.44 -14.50
C VAL A 41 9.43 -9.76 -15.01
N SER A 42 8.63 -9.23 -14.09
CA SER A 42 7.51 -8.36 -14.44
C SER A 42 7.92 -6.93 -14.14
N ASP A 43 8.27 -6.23 -15.20
CA ASP A 43 8.73 -4.85 -15.14
C ASP A 43 7.49 -3.97 -15.22
N LEU A 44 6.89 -3.68 -14.07
CA LEU A 44 5.56 -3.08 -14.04
C LEU A 44 5.44 -1.76 -14.78
N TYR A 45 6.40 -0.86 -14.62
CA TYR A 45 6.27 0.40 -15.33
C TYR A 45 6.41 0.23 -16.84
N ALA A 46 7.31 -0.65 -17.28
CA ALA A 46 7.50 -0.90 -18.72
C ALA A 46 6.27 -1.55 -19.32
N MET A 47 5.57 -2.35 -18.50
CA MET A 47 4.32 -3.00 -18.90
C MET A 47 3.12 -2.04 -18.84
N ASN A 48 3.34 -0.83 -18.34
CA ASN A 48 2.25 0.10 -18.04
C ASN A 48 1.15 -0.60 -17.23
N PHE A 49 1.58 -1.38 -16.24
CA PHE A 49 0.66 -2.20 -15.48
C PHE A 49 -0.47 -1.39 -14.85
N GLU A 50 -1.71 -1.84 -15.06
CA GLU A 50 -2.90 -1.17 -14.51
C GLU A 50 -3.00 -1.37 -13.00
N PRO A 51 -2.99 -0.27 -12.23
CA PRO A 51 -3.08 -0.45 -10.78
C PRO A 51 -4.48 -0.45 -10.23
N ARG A 52 -5.42 0.08 -10.99
CA ARG A 52 -6.74 0.31 -10.43
C ARG A 52 -7.59 -0.95 -10.44
N ALA A 53 -8.28 -1.22 -9.32
CA ALA A 53 -9.22 -2.32 -9.23
C ALA A 53 -10.56 -1.88 -9.79
N THR A 54 -10.92 -2.32 -11.00
CA THR A 54 -12.17 -1.89 -11.60
C THR A 54 -12.92 -3.04 -12.25
N ASP A 55 -14.15 -2.76 -12.66
CA ASP A 55 -14.98 -3.78 -13.28
C ASP A 55 -14.45 -4.22 -14.64
N LYS A 56 -13.41 -3.55 -15.15
CA LYS A 56 -12.77 -4.00 -16.38
C LYS A 56 -11.92 -5.24 -16.14
N ASP A 57 -11.68 -5.57 -14.87
CA ASP A 57 -10.89 -6.75 -14.54
C ASP A 57 -11.66 -8.06 -14.71
N ILE A 58 -12.97 -7.97 -14.94
CA ILE A 58 -13.79 -9.13 -15.21
C ILE A 58 -14.31 -9.01 -16.64
N THR A 59 -14.12 -10.06 -17.45
CA THR A 59 -14.45 -9.99 -18.86
C THR A 59 -15.87 -10.44 -19.18
N GLY A 60 -16.42 -11.33 -18.36
CA GLY A 60 -17.73 -11.89 -18.68
C GLY A 60 -18.88 -10.98 -18.33
N THR A 61 -20.05 -11.58 -18.11
CA THR A 61 -21.13 -10.86 -17.46
C THR A 61 -20.83 -10.92 -15.97
N LEU A 62 -21.13 -9.84 -15.27
CA LEU A 62 -20.82 -9.75 -13.84
C LEU A 62 -21.72 -10.63 -12.99
N SER A 63 -21.19 -11.05 -11.84
CA SER A 63 -21.96 -11.82 -10.88
C SER A 63 -23.14 -11.01 -10.37
N ASN A 64 -22.96 -9.69 -10.31
CA ASN A 64 -24.03 -8.78 -9.95
C ASN A 64 -23.85 -7.44 -10.67
N PRO A 65 -24.49 -7.29 -11.84
CA PRO A 65 -24.37 -6.10 -12.69
C PRO A 65 -24.93 -4.82 -12.05
N GLU A 66 -25.67 -4.96 -10.95
CA GLU A 66 -26.34 -3.81 -10.36
C GLU A 66 -25.52 -3.16 -9.23
N VAL A 67 -24.76 -3.98 -8.51
CA VAL A 67 -23.96 -3.50 -7.39
C VAL A 67 -22.59 -4.17 -7.46
N PHE A 68 -21.54 -3.38 -7.62
CA PHE A 68 -20.21 -3.92 -7.89
C PHE A 68 -19.37 -4.11 -6.62
N ASN A 69 -19.08 -5.38 -6.31
CA ASN A 69 -18.24 -5.77 -5.19
C ASN A 69 -16.98 -6.40 -5.78
N TYR A 70 -15.86 -5.70 -5.70
CA TYR A 70 -14.65 -6.13 -6.39
C TYR A 70 -14.19 -7.50 -5.90
N GLY A 71 -14.19 -7.71 -4.59
CA GLY A 71 -13.73 -8.97 -4.02
C GLY A 71 -14.57 -10.15 -4.49
N VAL A 72 -15.88 -10.01 -4.42
CA VAL A 72 -16.77 -11.10 -4.83
C VAL A 72 -16.61 -11.36 -6.32
N GLU A 73 -16.60 -10.29 -7.11
CA GLU A 73 -16.56 -10.44 -8.57
C GLU A 73 -15.27 -11.08 -9.02
N THR A 74 -14.15 -10.75 -8.39
CA THR A 74 -12.89 -11.33 -8.80
C THR A 74 -12.75 -12.78 -8.32
N HIS A 75 -13.30 -13.08 -7.15
CA HIS A 75 -13.35 -14.46 -6.68
C HIS A 75 -14.12 -15.33 -7.67
N GLU A 76 -15.31 -14.89 -8.06
CA GLU A 76 -16.12 -15.64 -8.99
C GLU A 76 -15.47 -15.69 -10.37
N ALA A 77 -14.92 -14.57 -10.82
CA ALA A 77 -14.20 -14.53 -12.10
C ALA A 77 -13.04 -15.51 -12.14
N TYR A 78 -12.31 -15.62 -11.04
CA TYR A 78 -11.20 -16.57 -10.99
C TYR A 78 -11.74 -18.00 -11.13
N LYS A 79 -12.82 -18.30 -10.44
CA LYS A 79 -13.40 -19.63 -10.47
C LYS A 79 -13.96 -19.94 -11.85
N GLN A 80 -14.37 -18.90 -12.56
CA GLN A 80 -15.01 -19.04 -13.88
C GLN A 80 -14.09 -18.69 -15.03
N ARG A 81 -12.80 -18.55 -14.75
CA ARG A 81 -11.80 -18.24 -15.77
C ARG A 81 -12.24 -17.04 -16.60
N SER A 82 -12.65 -15.98 -15.91
CA SER A 82 -13.13 -14.78 -16.57
C SER A 82 -12.44 -13.50 -16.11
N LEU A 83 -11.20 -13.60 -15.62
CA LEU A 83 -10.41 -12.42 -15.29
C LEU A 83 -9.70 -11.87 -16.53
N ALA A 84 -9.42 -10.57 -16.50
CA ALA A 84 -8.65 -9.91 -17.55
C ALA A 84 -7.28 -10.57 -17.74
N SER A 85 -6.80 -10.58 -18.98
CA SER A 85 -5.58 -11.32 -19.29
C SER A 85 -4.34 -10.78 -18.59
N ASP A 86 -4.29 -9.48 -18.31
CA ASP A 86 -3.12 -8.96 -17.62
C ASP A 86 -2.98 -9.58 -16.23
N ILE A 87 -4.10 -9.79 -15.56
CA ILE A 87 -4.11 -10.44 -14.26
C ILE A 87 -3.74 -11.92 -14.38
N THR A 88 -4.38 -12.63 -15.29
CA THR A 88 -4.08 -14.06 -15.41
C THR A 88 -2.63 -14.33 -15.87
N ASP A 89 -2.07 -13.44 -16.68
CA ASP A 89 -0.67 -13.54 -17.06
C ASP A 89 0.22 -13.50 -15.82
N GLU A 90 -0.07 -12.58 -14.90
CA GLU A 90 0.69 -12.50 -13.66
C GLU A 90 0.46 -13.73 -12.76
N GLN A 91 -0.79 -14.18 -12.66
CA GLN A 91 -1.09 -15.37 -11.86
C GLN A 91 -0.33 -16.59 -12.34
N LYS A 92 -0.22 -16.74 -13.65
CA LYS A 92 0.57 -17.84 -14.21
C LYS A 92 2.04 -17.76 -13.75
N LYS A 93 2.61 -16.57 -13.79
CA LYS A 93 3.99 -16.40 -13.35
C LYS A 93 4.15 -16.77 -11.88
N VAL A 94 3.21 -16.35 -11.04
CA VAL A 94 3.27 -16.65 -9.61
C VAL A 94 3.08 -18.16 -9.38
N ARG A 95 2.14 -18.75 -10.09
CA ARG A 95 1.84 -20.17 -9.95
C ARG A 95 3.09 -21.01 -10.25
N GLU A 96 3.84 -20.62 -11.28
CA GLU A 96 5.03 -21.35 -11.68
C GLU A 96 6.24 -21.10 -10.79
N ALA A 97 6.25 -19.95 -10.10
CA ALA A 97 7.40 -19.55 -9.31
C ALA A 97 7.51 -20.31 -7.98
N ASP A 98 8.75 -20.64 -7.59
CA ASP A 98 9.06 -21.14 -6.25
C ASP A 98 9.42 -20.00 -5.31
N LEU A 99 9.92 -18.91 -5.87
CA LEU A 99 10.35 -17.75 -5.11
C LEU A 99 9.87 -16.51 -5.85
N VAL A 100 9.24 -15.58 -5.13
CA VAL A 100 8.85 -14.30 -5.70
C VAL A 100 9.61 -13.21 -4.97
N ILE A 101 10.43 -12.48 -5.71
CA ILE A 101 11.16 -11.34 -5.18
C ILE A 101 10.46 -10.08 -5.62
N PHE A 102 10.23 -9.17 -4.69
CA PHE A 102 9.67 -7.86 -5.01
C PHE A 102 10.79 -6.86 -4.88
N GLN A 103 11.05 -6.11 -5.95
CA GLN A 103 12.13 -5.13 -5.96
C GLN A 103 11.54 -3.76 -6.14
N PHE A 104 11.66 -2.91 -5.14
CA PHE A 104 11.02 -1.61 -5.18
C PHE A 104 11.65 -0.59 -4.24
N PRO A 105 11.53 0.71 -4.58
CA PRO A 105 11.80 1.78 -3.61
C PRO A 105 10.62 1.97 -2.67
N LEU A 106 10.91 2.21 -1.41
CA LEU A 106 9.88 2.50 -0.43
C LEU A 106 9.20 3.82 -0.81
N TYR A 107 7.88 3.78 -0.96
CA TYR A 107 7.06 4.98 -1.17
C TYR A 107 6.07 5.02 -0.01
N TRP A 108 6.16 6.05 0.82
CA TRP A 108 5.25 6.24 1.93
C TRP A 108 5.14 4.98 2.80
N PHE A 109 6.30 4.45 3.21
CA PHE A 109 6.38 3.31 4.12
C PHE A 109 5.71 2.09 3.53
N SER A 110 5.65 2.02 2.20
CA SER A 110 4.96 0.95 1.53
C SER A 110 5.52 0.75 0.11
N VAL A 111 4.78 0.03 -0.73
CA VAL A 111 5.15 -0.17 -2.13
C VAL A 111 4.62 0.98 -2.97
N PRO A 112 5.32 1.30 -4.07
CA PRO A 112 4.75 2.24 -5.05
C PRO A 112 3.38 1.77 -5.51
N ALA A 113 2.48 2.71 -5.80
CA ALA A 113 1.11 2.38 -6.17
C ALA A 113 1.01 1.36 -7.29
N ILE A 114 1.90 1.40 -8.27
CA ILE A 114 1.80 0.44 -9.37
C ILE A 114 1.96 -1.01 -8.85
N LEU A 115 2.83 -1.19 -7.87
CA LEU A 115 3.04 -2.50 -7.28
C LEU A 115 1.91 -2.83 -6.29
N LYS A 116 1.39 -1.82 -5.61
CA LYS A 116 0.21 -2.06 -4.76
C LYS A 116 -0.94 -2.60 -5.63
N GLY A 117 -1.07 -2.06 -6.84
CA GLY A 117 -2.09 -2.49 -7.76
C GLY A 117 -1.89 -3.92 -8.23
N TRP A 118 -0.63 -4.32 -8.42
CA TRP A 118 -0.31 -5.70 -8.71
C TRP A 118 -0.82 -6.61 -7.57
N MET A 119 -0.52 -6.26 -6.34
N MET A 119 -0.53 -6.24 -6.34
CA MET A 119 -1.03 -7.02 -5.21
CA MET A 119 -1.02 -6.98 -5.18
C MET A 119 -2.56 -7.06 -5.19
C MET A 119 -2.55 -7.06 -5.20
N ASP A 120 -3.20 -5.90 -5.32
CA ASP A 120 -4.64 -5.83 -5.25
C ASP A 120 -5.33 -6.69 -6.30
N ARG A 121 -4.81 -6.64 -7.53
CA ARG A 121 -5.48 -7.24 -8.68
C ARG A 121 -5.05 -8.69 -8.97
N VAL A 122 -3.82 -9.04 -8.65
CA VAL A 122 -3.31 -10.37 -8.94
C VAL A 122 -3.65 -11.37 -7.84
N LEU A 123 -3.55 -10.95 -6.59
CA LEU A 123 -3.74 -11.87 -5.47
C LEU A 123 -5.21 -11.96 -5.04
N CYS A 124 -6.06 -12.44 -5.93
CA CYS A 124 -7.50 -12.54 -5.63
C CYS A 124 -7.85 -13.81 -4.83
N GLN A 125 -8.99 -13.78 -4.14
N GLN A 125 -8.99 -13.78 -4.14
CA GLN A 125 -9.46 -14.97 -3.44
CA GLN A 125 -9.42 -14.97 -3.42
C GLN A 125 -9.70 -16.07 -4.47
C GLN A 125 -9.75 -16.07 -4.43
N GLY A 126 -9.44 -17.31 -4.07
CA GLY A 126 -9.53 -18.43 -5.00
C GLY A 126 -8.17 -18.72 -5.62
N PHE A 127 -7.37 -17.67 -5.82
CA PHE A 127 -6.00 -17.83 -6.31
C PHE A 127 -4.96 -17.79 -5.19
N ALA A 128 -4.97 -16.69 -4.43
CA ALA A 128 -3.93 -16.51 -3.42
C ALA A 128 -4.36 -16.96 -2.02
N PHE A 129 -5.67 -16.96 -1.78
CA PHE A 129 -6.23 -17.35 -0.50
C PHE A 129 -7.73 -17.58 -0.69
N ASP A 130 -8.32 -18.21 0.32
N ASP A 130 -8.45 -18.04 0.32
CA ASP A 130 -9.69 -18.67 0.31
CA ASP A 130 -9.92 -17.98 0.22
C ASP A 130 -10.09 -18.98 1.74
C ASP A 130 -10.59 -17.30 1.43
N ILE A 131 -11.32 -19.43 1.92
N ILE A 131 -11.88 -16.95 1.35
CA ILE A 131 -11.73 -20.04 3.17
CA ILE A 131 -12.61 -16.46 2.55
C ILE A 131 -11.57 -21.52 2.90
C ILE A 131 -13.73 -17.42 2.94
N PRO A 132 -10.69 -22.21 3.65
N PRO A 132 -13.49 -18.29 3.95
CA PRO A 132 -9.94 -21.86 4.87
CA PRO A 132 -12.22 -18.43 4.65
C PRO A 132 -8.45 -21.62 4.74
C PRO A 132 -11.25 -19.16 3.76
N GLY A 133 -7.94 -21.47 3.53
N GLY A 133 -10.00 -19.29 4.21
CA GLY A 133 -6.51 -21.39 3.32
CA GLY A 133 -8.97 -19.91 3.42
C GLY A 133 -5.93 -19.99 3.41
C GLY A 133 -7.77 -18.98 3.28
N PHE A 134 -5.36 -19.64 4.56
N PHE A 134 -7.24 -18.53 4.41
CA PHE A 134 -4.69 -18.35 4.73
CA PHE A 134 -6.13 -17.59 4.37
C PHE A 134 -3.65 -18.43 5.85
C PHE A 134 -5.10 -17.87 5.46
N TYR A 135 -2.81 -17.40 5.95
N TYR A 135 -4.03 -17.07 5.46
CA TYR A 135 -1.60 -17.47 6.78
CA TYR A 135 -2.86 -17.31 6.29
C TYR A 135 -0.85 -18.79 6.48
C TYR A 135 -2.28 -18.71 6.05
N ASP A 136 -0.58 -19.63 7.48
N ASP A 136 -2.26 -19.57 7.06
CA ASP A 136 0.24 -20.83 7.20
CA ASP A 136 -1.72 -20.91 6.89
C ASP A 136 -0.35 -21.75 6.12
C ASP A 136 -2.61 -21.76 5.98
N SER A 137 -1.67 -21.70 5.95
N SER A 137 -3.86 -21.33 5.82
CA SER A 137 -2.34 -22.56 4.97
CA SER A 137 -4.72 -21.92 4.81
C SER A 137 -2.79 -21.79 3.72
C SER A 137 -4.48 -21.20 3.49
N GLY A 138 -2.23 -20.61 3.51
N GLY A 138 -3.40 -20.43 3.45
CA GLY A 138 -2.58 -19.82 2.33
CA GLY A 138 -2.97 -19.71 2.27
C GLY A 138 -2.36 -20.61 1.05
C GLY A 138 -2.59 -20.62 1.13
N LEU A 139 -3.08 -20.26 -0.03
CA LEU A 139 -3.02 -21.09 -1.24
C LEU A 139 -1.67 -21.08 -1.95
N LEU A 140 -0.83 -20.09 -1.65
CA LEU A 140 0.52 -20.07 -2.20
C LEU A 140 1.52 -20.70 -1.25
N GLN A 141 1.04 -21.50 -0.29
CA GLN A 141 1.96 -22.22 0.59
C GLN A 141 2.91 -23.09 -0.22
N GLY A 142 4.14 -23.23 0.27
CA GLY A 142 5.18 -23.93 -0.43
C GLY A 142 6.07 -22.98 -1.19
N LYS A 143 5.59 -21.75 -1.41
CA LYS A 143 6.37 -20.75 -2.12
C LYS A 143 7.08 -19.82 -1.14
N LEU A 144 8.17 -19.22 -1.60
CA LEU A 144 8.94 -18.23 -0.84
C LEU A 144 8.70 -16.85 -1.41
N ALA A 145 8.74 -15.84 -0.57
CA ALA A 145 8.65 -14.45 -1.03
C ALA A 145 9.67 -13.62 -0.28
N LEU A 146 10.14 -12.54 -0.91
CA LEU A 146 11.22 -11.76 -0.35
C LEU A 146 11.05 -10.33 -0.82
N LEU A 147 11.05 -9.39 0.12
CA LEU A 147 10.99 -7.97 -0.20
C LEU A 147 12.38 -7.40 -0.24
N SER A 148 12.78 -6.90 -1.41
CA SER A 148 14.03 -6.17 -1.57
C SER A 148 13.66 -4.71 -1.79
N VAL A 149 13.86 -3.93 -0.73
CA VAL A 149 13.39 -2.56 -0.66
C VAL A 149 14.57 -1.62 -0.53
N THR A 150 14.50 -0.47 -1.19
CA THR A 150 15.45 0.61 -1.01
C THR A 150 14.75 1.79 -0.34
N THR A 151 15.50 2.58 0.43
CA THR A 151 14.90 3.70 1.16
C THR A 151 15.61 5.01 0.91
N GLY A 152 14.89 6.11 1.17
CA GLY A 152 15.52 7.41 1.32
C GLY A 152 16.16 7.59 2.69
N GLY A 153 15.47 7.15 3.74
CA GLY A 153 15.96 7.27 5.09
C GLY A 153 17.07 6.29 5.45
N THR A 154 17.86 6.69 6.44
CA THR A 154 19.00 5.92 6.89
C THR A 154 18.60 4.79 7.82
N ALA A 155 19.50 3.82 8.00
CA ALA A 155 19.26 2.72 8.92
C ALA A 155 18.94 3.29 10.32
N GLU A 156 19.67 4.32 10.72
CA GLU A 156 19.48 4.89 12.04
C GLU A 156 18.12 5.57 12.18
N MET A 157 17.61 6.15 11.10
CA MET A 157 16.28 6.75 11.14
C MET A 157 15.24 5.64 11.34
N TYR A 158 15.57 4.45 10.85
CA TYR A 158 14.68 3.31 10.97
C TYR A 158 15.02 2.42 12.17
N THR A 159 15.15 3.04 13.33
CA THR A 159 15.31 2.31 14.59
C THR A 159 14.09 2.52 15.48
N LYS A 160 13.95 1.67 16.49
CA LYS A 160 12.73 1.64 17.28
C LYS A 160 12.43 3.01 17.86
N THR A 161 13.48 3.71 18.28
CA THR A 161 13.31 5.03 18.88
C THR A 161 13.77 6.14 17.91
N GLY A 162 13.94 5.77 16.64
CA GLY A 162 14.27 6.71 15.60
C GLY A 162 12.99 7.34 15.06
N VAL A 163 13.11 8.38 14.26
CA VAL A 163 11.93 9.14 13.84
C VAL A 163 10.94 8.28 13.06
N ASN A 164 11.45 7.33 12.29
CA ASN A 164 10.60 6.51 11.44
C ASN A 164 10.15 5.22 12.11
N GLY A 165 10.69 4.93 13.29
CA GLY A 165 10.45 3.63 13.88
C GLY A 165 11.28 2.54 13.21
N ASP A 166 11.21 1.34 13.78
CA ASP A 166 11.89 0.16 13.23
C ASP A 166 11.40 -0.10 11.82
N SER A 167 12.29 -0.45 10.90
CA SER A 167 11.87 -0.80 9.54
C SER A 167 10.87 -1.95 9.60
N ARG A 168 11.01 -2.80 10.61
CA ARG A 168 10.09 -3.93 10.73
C ARG A 168 8.64 -3.47 10.87
N TYR A 169 8.43 -2.29 11.46
CA TYR A 169 7.08 -1.76 11.64
C TYR A 169 6.35 -1.57 10.31
N PHE A 170 7.03 -1.06 9.29
CA PHE A 170 6.37 -0.86 8.01
C PHE A 170 6.27 -2.14 7.20
N LEU A 171 7.04 -3.14 7.56
CA LEU A 171 6.99 -4.41 6.84
C LEU A 171 5.71 -5.19 7.13
N TRP A 172 5.06 -4.92 8.26
CA TRP A 172 3.90 -5.70 8.69
C TRP A 172 2.82 -5.87 7.62
N PRO A 173 2.34 -4.77 7.01
CA PRO A 173 1.25 -4.94 6.04
C PRO A 173 1.68 -5.77 4.83
N LEU A 174 2.95 -5.67 4.47
CA LEU A 174 3.47 -6.33 3.29
C LEU A 174 3.83 -7.79 3.58
N GLN A 175 4.68 -8.02 4.59
CA GLN A 175 5.13 -9.36 4.91
C GLN A 175 4.04 -10.20 5.51
N HIS A 176 3.32 -9.63 6.48
CA HIS A 176 2.30 -10.40 7.20
C HIS A 176 0.91 -10.29 6.57
N GLY A 177 0.41 -9.07 6.42
CA GLY A 177 -0.94 -8.87 5.93
C GLY A 177 -1.14 -9.28 4.48
N THR A 178 -0.06 -9.35 3.71
CA THR A 178 -0.15 -9.73 2.30
C THR A 178 0.51 -11.09 2.04
N LEU A 179 1.84 -11.15 2.17
CA LEU A 179 2.56 -12.37 1.79
C LEU A 179 2.25 -13.58 2.67
N HIS A 180 2.42 -13.45 3.98
CA HIS A 180 2.07 -14.53 4.89
C HIS A 180 0.59 -14.89 4.72
N PHE A 181 -0.27 -13.88 4.58
CA PHE A 181 -1.69 -14.14 4.44
C PHE A 181 -1.96 -15.12 3.30
N CYS A 182 -1.21 -14.96 2.22
CA CYS A 182 -1.36 -15.79 1.03
C CYS A 182 -0.62 -17.12 1.14
N GLY A 183 0.03 -17.37 2.28
CA GLY A 183 0.69 -18.65 2.47
C GLY A 183 2.18 -18.68 2.18
N PHE A 184 2.73 -17.61 1.63
CA PHE A 184 4.16 -17.55 1.42
C PHE A 184 4.90 -17.76 2.74
N LYS A 185 6.04 -18.43 2.67
CA LYS A 185 7.07 -18.31 3.67
C LYS A 185 7.89 -17.08 3.31
N VAL A 186 8.18 -16.25 4.30
CA VAL A 186 8.81 -14.98 4.04
C VAL A 186 10.28 -15.03 4.39
N LEU A 187 11.13 -14.88 3.39
CA LEU A 187 12.56 -14.76 3.64
C LEU A 187 12.85 -13.37 4.18
N ALA A 188 13.94 -13.25 4.93
CA ALA A 188 14.27 -11.97 5.54
C ALA A 188 14.32 -10.89 4.48
N PRO A 189 13.81 -9.71 4.81
CA PRO A 189 13.85 -8.67 3.78
C PRO A 189 15.26 -8.26 3.46
N GLN A 190 15.48 -7.82 2.24
CA GLN A 190 16.70 -7.15 1.87
C GLN A 190 16.43 -5.65 1.89
N ILE A 191 17.07 -4.93 2.80
CA ILE A 191 16.85 -3.50 2.85
C ILE A 191 18.14 -2.77 2.56
N SER A 192 18.14 -2.04 1.46
CA SER A 192 19.29 -1.27 1.03
C SER A 192 19.00 0.18 1.41
N PHE A 193 19.53 0.58 2.56
CA PHE A 193 19.22 1.90 3.10
C PHE A 193 19.93 3.02 2.37
N ALA A 194 19.17 4.04 2.02
CA ALA A 194 19.69 5.33 1.58
C ALA A 194 20.81 5.28 0.53
N PRO A 195 20.58 4.58 -0.58
CA PRO A 195 21.59 4.59 -1.63
C PRO A 195 21.87 6.00 -2.18
N GLU A 196 20.91 6.91 -2.19
CA GLU A 196 21.14 8.22 -2.79
C GLU A 196 22.20 9.00 -2.01
N ILE A 197 22.27 8.73 -0.71
CA ILE A 197 23.16 9.42 0.22
C ILE A 197 24.49 8.69 0.33
N ALA A 198 24.48 7.39 0.05
CA ALA A 198 25.65 6.54 0.19
C ALA A 198 26.73 6.90 -0.82
N SER A 199 27.97 6.56 -0.49
CA SER A 199 29.06 6.72 -1.44
C SER A 199 28.98 5.64 -2.51
N GLU A 200 29.68 5.86 -3.62
CA GLU A 200 29.80 4.86 -4.67
C GLU A 200 30.22 3.51 -4.09
N GLU A 201 31.23 3.53 -3.22
CA GLU A 201 31.76 2.31 -2.64
C GLU A 201 30.71 1.58 -1.81
N GLU A 202 29.98 2.34 -0.99
CA GLU A 202 28.96 1.79 -0.13
C GLU A 202 27.84 1.19 -0.96
N ARG A 203 27.51 1.84 -2.06
CA ARG A 203 26.47 1.36 -2.96
C ARG A 203 26.91 0.06 -3.60
N LYS A 204 28.15 0.03 -4.07
CA LYS A 204 28.70 -1.20 -4.65
C LYS A 204 28.60 -2.32 -3.62
N GLY A 205 28.92 -1.99 -2.37
CA GLY A 205 28.82 -2.95 -1.29
C GLY A 205 27.41 -3.49 -1.11
N MET A 206 26.42 -2.61 -1.16
CA MET A 206 25.02 -3.05 -1.01
C MET A 206 24.57 -3.92 -2.18
N VAL A 207 24.95 -3.55 -3.40
CA VAL A 207 24.65 -4.41 -4.56
C VAL A 207 25.36 -5.76 -4.41
N ALA A 208 26.62 -5.74 -4.00
CA ALA A 208 27.38 -6.99 -3.89
C ALA A 208 26.81 -7.84 -2.77
N ALA A 209 26.33 -7.19 -1.71
CA ALA A 209 25.76 -7.92 -0.58
C ALA A 209 24.55 -8.73 -1.05
N TRP A 210 23.75 -8.09 -1.91
CA TRP A 210 22.56 -8.71 -2.46
C TRP A 210 22.96 -9.86 -3.39
N SER A 211 23.91 -9.62 -4.29
CA SER A 211 24.40 -10.67 -5.18
C SER A 211 24.93 -11.84 -4.37
N GLN A 212 25.74 -11.54 -3.38
CA GLN A 212 26.31 -12.59 -2.51
C GLN A 212 25.20 -13.32 -1.77
N ARG A 213 24.21 -12.59 -1.25
CA ARG A 213 23.13 -13.26 -0.54
C ARG A 213 22.42 -14.25 -1.47
N LEU A 214 22.18 -13.82 -2.70
CA LEU A 214 21.44 -14.66 -3.63
C LEU A 214 22.15 -15.98 -3.93
N GLN A 215 23.47 -16.01 -3.78
CA GLN A 215 24.24 -17.25 -3.95
C GLN A 215 23.73 -18.41 -3.08
N THR A 216 23.27 -18.09 -1.87
CA THR A 216 22.79 -19.11 -0.95
C THR A 216 21.32 -18.95 -0.56
N ILE A 217 20.55 -18.26 -1.38
CA ILE A 217 19.16 -17.98 -1.02
C ILE A 217 18.32 -19.24 -0.79
N TRP A 218 18.61 -20.31 -1.50
CA TRP A 218 17.84 -21.55 -1.39
C TRP A 218 18.13 -22.32 -0.10
N LYS A 219 19.15 -21.87 0.65
CA LYS A 219 19.53 -22.50 1.92
C LYS A 219 18.91 -21.76 3.12
N GLU A 220 18.27 -20.63 2.87
CA GLU A 220 17.73 -19.81 3.93
C GLU A 220 16.51 -20.40 4.59
N GLU A 221 16.41 -20.13 5.88
CA GLU A 221 15.20 -20.36 6.64
C GLU A 221 14.36 -19.08 6.57
N PRO A 222 13.05 -19.24 6.38
CA PRO A 222 12.20 -18.04 6.47
C PRO A 222 12.12 -17.46 7.88
N ILE A 223 11.80 -16.18 7.99
CA ILE A 223 11.58 -15.57 9.29
C ILE A 223 10.30 -16.12 9.89
N PRO A 224 10.19 -16.04 11.23
CA PRO A 224 8.88 -16.28 11.81
C PRO A 224 8.03 -15.03 11.62
N CYS A 225 7.07 -15.09 10.71
CA CYS A 225 6.30 -13.89 10.33
C CYS A 225 5.20 -13.64 11.34
N THR A 226 5.64 -13.13 12.48
CA THR A 226 4.77 -12.94 13.64
C THR A 226 4.78 -11.49 14.12
N ALA A 227 3.79 -11.15 14.92
CA ALA A 227 3.73 -9.83 15.55
C ALA A 227 4.99 -9.61 16.39
N HIS A 228 5.45 -10.65 17.06
CA HIS A 228 6.64 -10.52 17.90
C HIS A 228 7.89 -10.16 17.10
N TRP A 229 8.06 -10.78 15.93
CA TRP A 229 9.18 -10.48 15.08
C TRP A 229 9.13 -9.02 14.64
N HIS A 230 7.93 -8.56 14.29
CA HIS A 230 7.79 -7.20 13.76
C HIS A 230 7.86 -6.11 14.84
N PHE A 231 7.32 -6.39 16.02
CA PHE A 231 7.09 -5.34 17.02
C PHE A 231 7.81 -5.56 18.35
N GLY A 232 8.33 -6.76 18.57
CA GLY A 232 8.91 -7.12 19.86
C GLY A 232 10.33 -6.62 20.08
N GLN A 233 10.85 -6.86 21.28
CA GLN A 233 12.21 -6.44 21.63
C GLN A 233 13.26 -7.18 20.80
N ALA B 4 -15.39 29.46 13.02
CA ALA B 4 -16.17 28.73 12.03
C ALA B 4 -15.57 28.88 10.63
N GLY B 5 -16.30 28.41 9.63
CA GLY B 5 -15.85 28.48 8.25
C GLY B 5 -14.80 27.44 7.92
N LYS B 6 -15.07 26.18 8.28
CA LYS B 6 -14.13 25.08 8.10
C LYS B 6 -14.28 24.42 6.74
N LYS B 7 -13.16 24.03 6.15
CA LYS B 7 -13.15 23.40 4.84
C LYS B 7 -12.68 21.96 4.96
N VAL B 8 -13.41 21.06 4.29
CA VAL B 8 -13.12 19.64 4.34
C VAL B 8 -12.95 19.09 2.94
N LEU B 9 -11.91 18.27 2.78
CA LEU B 9 -11.71 17.46 1.58
C LEU B 9 -11.86 16.01 1.97
N ILE B 10 -12.72 15.30 1.24
CA ILE B 10 -12.85 13.87 1.38
C ILE B 10 -12.24 13.22 0.14
N VAL B 11 -11.20 12.43 0.34
CA VAL B 11 -10.60 11.64 -0.72
C VAL B 11 -11.17 10.24 -0.61
N TYR B 12 -11.96 9.87 -1.61
CA TYR B 12 -12.85 8.72 -1.56
C TYR B 12 -12.42 7.69 -2.59
N ALA B 13 -12.28 6.44 -2.14
CA ALA B 13 -11.78 5.38 -3.03
C ALA B 13 -12.66 4.14 -3.02
N HIS B 14 -13.80 4.20 -3.68
CA HIS B 14 -14.61 3.01 -3.89
C HIS B 14 -15.29 3.10 -5.25
N GLN B 15 -15.44 1.94 -5.90
CA GLN B 15 -15.95 1.87 -7.26
C GLN B 15 -17.47 2.02 -7.36
N GLU B 16 -18.16 1.80 -6.26
CA GLU B 16 -19.59 1.54 -6.28
C GLU B 16 -20.34 2.56 -5.41
N PRO B 17 -21.12 3.44 -6.04
CA PRO B 17 -21.84 4.48 -5.28
C PRO B 17 -22.79 3.91 -4.20
N LYS B 18 -23.29 2.69 -4.40
CA LYS B 18 -24.24 2.09 -3.46
C LYS B 18 -23.54 1.29 -2.37
N SER B 19 -22.22 1.37 -2.34
CA SER B 19 -21.45 0.59 -1.38
C SER B 19 -21.56 1.16 0.03
N PHE B 20 -21.12 0.37 1.00
CA PHE B 20 -21.02 0.82 2.37
C PHE B 20 -20.07 2.02 2.45
N ASN B 21 -18.96 1.98 1.71
CA ASN B 21 -18.05 3.14 1.66
C ASN B 21 -18.78 4.36 1.12
N GLY B 22 -19.56 4.16 0.06
CA GLY B 22 -20.33 5.25 -0.54
C GLY B 22 -21.27 5.88 0.47
N SER B 23 -21.94 5.05 1.27
CA SER B 23 -22.83 5.54 2.30
C SER B 23 -22.09 6.35 3.38
N LEU B 24 -20.90 5.89 3.77
CA LEU B 24 -20.11 6.61 4.76
C LEU B 24 -19.64 7.95 4.19
N LYS B 25 -19.25 7.97 2.92
CA LYS B 25 -18.87 9.23 2.28
C LYS B 25 -20.07 10.18 2.22
N ASN B 26 -21.23 9.66 1.83
CA ASN B 26 -22.39 10.49 1.65
C ASN B 26 -22.87 11.07 2.97
N VAL B 27 -22.80 10.27 4.03
CA VAL B 27 -23.27 10.76 5.31
C VAL B 27 -22.31 11.84 5.85
N ALA B 28 -21.03 11.75 5.50
CA ALA B 28 -20.07 12.78 5.85
C ALA B 28 -20.37 14.07 5.09
N VAL B 29 -20.63 13.95 3.80
CA VAL B 29 -21.02 15.13 3.02
C VAL B 29 -22.29 15.73 3.63
N ASP B 30 -23.30 14.91 3.91
CA ASP B 30 -24.57 15.42 4.46
C ASP B 30 -24.37 16.16 5.79
N GLU B 31 -23.62 15.56 6.70
CA GLU B 31 -23.51 16.10 8.05
C GLU B 31 -22.60 17.33 8.08
N LEU B 32 -21.47 17.27 7.38
CA LEU B 32 -20.57 18.41 7.32
C LEU B 32 -21.26 19.56 6.57
N SER B 33 -22.00 19.25 5.52
CA SER B 33 -22.80 20.26 4.81
C SER B 33 -23.84 20.89 5.74
N ARG B 34 -24.55 20.07 6.50
CA ARG B 34 -25.55 20.56 7.46
C ARG B 34 -24.93 21.54 8.45
N GLN B 35 -23.71 21.24 8.88
CA GLN B 35 -22.99 22.12 9.82
C GLN B 35 -22.59 23.47 9.22
N GLY B 36 -22.66 23.58 7.90
CA GLY B 36 -22.22 24.80 7.22
C GLY B 36 -20.78 24.76 6.73
N CYS B 37 -20.14 23.59 6.83
CA CYS B 37 -18.77 23.44 6.35
C CYS B 37 -18.73 23.50 4.84
N THR B 38 -17.57 23.86 4.31
CA THR B 38 -17.31 23.81 2.89
C THR B 38 -16.75 22.42 2.60
N VAL B 39 -17.35 21.71 1.65
CA VAL B 39 -16.99 20.30 1.44
C VAL B 39 -16.68 20.03 -0.03
N THR B 40 -15.58 19.31 -0.26
CA THR B 40 -15.13 18.88 -1.57
C THR B 40 -14.82 17.40 -1.48
N VAL B 41 -15.18 16.66 -2.52
CA VAL B 41 -14.89 15.24 -2.60
C VAL B 41 -14.07 14.93 -3.86
N SER B 42 -12.96 14.23 -3.68
CA SER B 42 -12.23 13.64 -4.82
C SER B 42 -12.61 12.16 -4.91
N ASP B 43 -13.50 11.85 -5.86
CA ASP B 43 -13.98 10.50 -6.10
C ASP B 43 -13.01 9.86 -7.08
N LEU B 44 -11.98 9.24 -6.55
CA LEU B 44 -10.83 8.84 -7.37
C LEU B 44 -11.20 7.90 -8.52
N TYR B 45 -12.04 6.90 -8.27
CA TYR B 45 -12.36 5.99 -9.38
C TYR B 45 -13.17 6.72 -10.46
N ALA B 46 -14.10 7.59 -10.05
CA ALA B 46 -14.92 8.30 -11.03
C ALA B 46 -14.07 9.26 -11.86
N MET B 47 -13.03 9.78 -11.23
CA MET B 47 -12.04 10.65 -11.88
C MET B 47 -11.05 9.88 -12.76
N ASN B 48 -11.11 8.56 -12.72
CA ASN B 48 -10.06 7.72 -13.32
C ASN B 48 -8.67 8.19 -12.89
N PHE B 49 -8.51 8.51 -11.61
CA PHE B 49 -7.27 9.08 -11.12
C PHE B 49 -6.07 8.20 -11.45
N GLU B 50 -5.03 8.81 -11.99
CA GLU B 50 -3.82 8.11 -12.39
C GLU B 50 -2.99 7.76 -11.16
N PRO B 51 -2.76 6.46 -10.91
CA PRO B 51 -1.98 6.10 -9.72
C PRO B 51 -0.48 6.00 -9.95
N ARG B 52 -0.06 5.85 -11.18
CA ARG B 52 1.35 5.55 -11.45
C ARG B 52 2.21 6.79 -11.39
N ALA B 53 3.35 6.68 -10.69
CA ALA B 53 4.37 7.72 -10.64
C ALA B 53 5.26 7.58 -11.87
N THR B 54 5.07 8.45 -12.85
CA THR B 54 5.83 8.36 -14.10
C THR B 54 6.36 9.72 -14.56
N ASP B 55 7.20 9.68 -15.58
CA ASP B 55 7.76 10.90 -16.15
C ASP B 55 6.72 11.76 -16.85
N LYS B 56 5.50 11.25 -17.00
CA LYS B 56 4.40 12.07 -17.50
C LYS B 56 3.90 13.08 -16.46
N ASP B 57 4.35 12.94 -15.23
CA ASP B 57 3.92 13.83 -14.17
C ASP B 57 4.70 15.13 -14.19
N ILE B 58 5.74 15.18 -15.03
CA ILE B 58 6.51 16.40 -15.22
C ILE B 58 6.46 16.77 -16.69
N THR B 59 6.08 18.00 -16.99
CA THR B 59 6.00 18.40 -18.40
C THR B 59 7.16 19.29 -18.81
N GLY B 60 7.98 19.72 -17.86
CA GLY B 60 9.06 20.63 -18.17
C GLY B 60 10.38 19.94 -18.47
N THR B 61 11.41 20.75 -18.69
CA THR B 61 12.74 20.22 -18.91
C THR B 61 13.18 19.52 -17.63
N LEU B 62 13.62 18.28 -17.78
CA LEU B 62 14.05 17.49 -16.63
C LEU B 62 15.41 17.97 -16.14
N SER B 63 15.61 17.87 -14.83
CA SER B 63 16.87 18.18 -14.20
C SER B 63 17.96 17.23 -14.70
N ASN B 64 17.60 15.97 -14.84
CA ASN B 64 18.49 14.97 -15.41
C ASN B 64 17.73 14.07 -16.37
N PRO B 65 17.71 14.42 -17.66
CA PRO B 65 16.93 13.65 -18.63
C PRO B 65 17.55 12.30 -19.00
N GLU B 66 18.73 11.99 -18.46
CA GLU B 66 19.41 10.72 -18.78
C GLU B 66 19.10 9.64 -17.74
N VAL B 67 18.87 10.05 -16.50
CA VAL B 67 18.56 9.12 -15.41
C VAL B 67 17.41 9.72 -14.62
N PHE B 68 16.26 9.06 -14.71
CA PHE B 68 15.03 9.62 -14.16
C PHE B 68 14.82 9.23 -12.71
N ASN B 69 14.78 10.26 -11.87
CA ASN B 69 14.58 10.12 -10.43
C ASN B 69 13.27 10.84 -10.09
N TYR B 70 12.23 10.07 -9.81
CA TYR B 70 10.89 10.64 -9.65
C TYR B 70 10.85 11.71 -8.56
N GLY B 71 11.44 11.43 -7.40
CA GLY B 71 11.47 12.39 -6.31
C GLY B 71 12.13 13.69 -6.69
N VAL B 72 13.32 13.60 -7.29
CA VAL B 72 14.04 14.81 -7.68
C VAL B 72 13.25 15.61 -8.71
N GLU B 73 12.69 14.91 -9.69
CA GLU B 73 12.06 15.62 -10.80
C GLU B 73 10.73 16.27 -10.37
N THR B 74 9.97 15.59 -9.52
CA THR B 74 8.72 16.16 -9.04
C THR B 74 8.96 17.32 -8.09
N HIS B 75 9.99 17.22 -7.26
CA HIS B 75 10.37 18.33 -6.40
C HIS B 75 10.64 19.58 -7.24
N GLU B 76 11.49 19.43 -8.25
CA GLU B 76 11.84 20.55 -9.10
C GLU B 76 10.63 21.04 -9.91
N ALA B 77 9.83 20.10 -10.41
CA ALA B 77 8.61 20.47 -11.14
C ALA B 77 7.63 21.22 -10.27
N TYR B 78 7.51 20.83 -9.01
CA TYR B 78 6.64 21.57 -8.10
C TYR B 78 7.10 23.03 -8.01
N LYS B 79 8.40 23.23 -7.81
CA LYS B 79 8.95 24.57 -7.65
C LYS B 79 8.82 25.41 -8.91
N GLN B 80 8.97 24.78 -10.07
CA GLN B 80 8.90 25.47 -11.35
C GLN B 80 7.49 25.59 -11.91
N ARG B 81 6.56 24.83 -11.34
CA ARG B 81 5.18 24.72 -11.81
C ARG B 81 5.05 23.98 -13.16
N SER B 82 5.70 22.84 -13.26
CA SER B 82 5.58 22.01 -14.45
C SER B 82 5.06 20.63 -14.11
N LEU B 83 4.40 20.49 -12.96
CA LEU B 83 3.74 19.22 -12.66
C LEU B 83 2.49 19.03 -13.52
N ALA B 84 2.13 17.78 -13.79
CA ALA B 84 0.86 17.49 -14.45
C ALA B 84 -0.28 18.16 -13.67
N SER B 85 -1.27 18.64 -14.40
CA SER B 85 -2.33 19.43 -13.78
C SER B 85 -3.21 18.61 -12.83
N ASP B 86 -3.31 17.29 -13.03
CA ASP B 86 -4.15 16.49 -12.12
C ASP B 86 -3.58 16.53 -10.70
N ILE B 87 -2.25 16.57 -10.61
CA ILE B 87 -1.58 16.65 -9.33
C ILE B 87 -1.84 18.02 -8.69
N THR B 88 -1.62 19.09 -9.43
CA THR B 88 -1.80 20.41 -8.84
C THR B 88 -3.28 20.66 -8.48
N ASP B 89 -4.21 20.05 -9.22
CA ASP B 89 -5.62 20.18 -8.88
C ASP B 89 -5.88 19.60 -7.48
N GLU B 90 -5.28 18.45 -7.18
CA GLU B 90 -5.43 17.86 -5.86
C GLU B 90 -4.71 18.68 -4.78
N GLN B 91 -3.53 19.19 -5.11
CA GLN B 91 -2.79 20.02 -4.17
C GLN B 91 -3.61 21.24 -3.77
N LYS B 92 -4.31 21.85 -4.71
CA LYS B 92 -5.14 23.01 -4.37
C LYS B 92 -6.20 22.63 -3.34
N LYS B 93 -6.83 21.47 -3.53
CA LYS B 93 -7.87 21.01 -2.60
C LYS B 93 -7.29 20.78 -1.20
N VAL B 94 -6.10 20.18 -1.14
CA VAL B 94 -5.44 19.96 0.14
C VAL B 94 -5.04 21.28 0.80
N ARG B 95 -4.45 22.16 0.02
CA ARG B 95 -3.99 23.45 0.53
C ARG B 95 -5.15 24.20 1.20
N GLU B 96 -6.32 24.12 0.60
CA GLU B 96 -7.49 24.85 1.12
C GLU B 96 -8.20 24.18 2.30
N ALA B 97 -8.00 22.88 2.46
CA ALA B 97 -8.68 22.09 3.48
C ALA B 97 -8.12 22.29 4.87
N ASP B 98 -9.01 22.36 5.84
CA ASP B 98 -8.65 22.28 7.25
C ASP B 98 -8.59 20.84 7.73
N LEU B 99 -9.38 19.99 7.09
CA LEU B 99 -9.49 18.57 7.46
C LEU B 99 -9.54 17.77 6.17
N VAL B 100 -8.73 16.72 6.10
CA VAL B 100 -8.78 15.77 4.99
C VAL B 100 -9.21 14.42 5.54
N ILE B 101 -10.35 13.94 5.07
CA ILE B 101 -10.86 12.62 5.42
C ILE B 101 -10.60 11.68 4.27
N PHE B 102 -10.00 10.53 4.57
CA PHE B 102 -9.78 9.48 3.58
C PHE B 102 -10.79 8.40 3.83
N GLN B 103 -11.61 8.09 2.83
CA GLN B 103 -12.67 7.09 2.95
C GLN B 103 -12.38 5.93 1.99
N PHE B 104 -12.12 4.76 2.55
CA PHE B 104 -11.69 3.63 1.72
C PHE B 104 -11.88 2.29 2.41
N PRO B 105 -12.06 1.23 1.59
CA PRO B 105 -11.97 -0.13 2.09
C PRO B 105 -10.50 -0.53 2.25
N LEU B 106 -10.20 -1.26 3.31
CA LEU B 106 -8.85 -1.77 3.51
C LEU B 106 -8.53 -2.79 2.41
N TYR B 107 -7.42 -2.57 1.72
CA TYR B 107 -6.92 -3.51 0.72
C TYR B 107 -5.52 -3.89 1.17
N TRP B 108 -5.30 -5.16 1.47
CA TRP B 108 -3.99 -5.65 1.87
C TRP B 108 -3.35 -4.81 2.98
N PHE B 109 -4.12 -4.63 4.05
CA PHE B 109 -3.66 -3.93 5.25
C PHE B 109 -3.27 -2.48 4.91
N SER B 110 -3.85 -1.92 3.84
CA SER B 110 -3.43 -0.60 3.39
C SER B 110 -4.56 0.04 2.57
N VAL B 111 -4.23 1.09 1.83
CA VAL B 111 -5.20 1.76 0.97
C VAL B 111 -5.25 1.06 -0.40
N PRO B 112 -6.42 1.09 -1.08
CA PRO B 112 -6.45 0.65 -2.48
C PRO B 112 -5.40 1.39 -3.30
N ALA B 113 -4.85 0.72 -4.32
CA ALA B 113 -3.79 1.31 -5.12
C ALA B 113 -4.10 2.69 -5.69
N ILE B 114 -5.36 2.92 -6.07
CA ILE B 114 -5.68 4.21 -6.67
C ILE B 114 -5.45 5.34 -5.66
N LEU B 115 -5.75 5.06 -4.39
CA LEU B 115 -5.50 6.02 -3.31
C LEU B 115 -4.03 6.09 -2.92
N LYS B 116 -3.34 4.95 -2.94
CA LYS B 116 -1.89 4.98 -2.76
C LYS B 116 -1.25 5.91 -3.78
N GLY B 117 -1.73 5.87 -5.02
CA GLY B 117 -1.19 6.70 -6.09
C GLY B 117 -1.44 8.18 -5.83
N TRP B 118 -2.62 8.51 -5.29
CA TRP B 118 -2.89 9.87 -4.84
C TRP B 118 -1.84 10.31 -3.81
N MET B 119 -1.55 9.49 -2.82
N MET B 119 -1.56 9.48 -2.83
CA MET B 119 -0.54 9.84 -1.84
CA MET B 119 -0.54 9.80 -1.83
C MET B 119 0.83 10.00 -2.49
C MET B 119 0.80 10.02 -2.52
N ASP B 120 1.19 9.05 -3.34
CA ASP B 120 2.51 9.06 -3.97
C ASP B 120 2.71 10.31 -4.84
N ARG B 121 1.69 10.68 -5.60
CA ARG B 121 1.81 11.73 -6.63
C ARG B 121 1.48 13.14 -6.10
N VAL B 122 0.53 13.23 -5.18
CA VAL B 122 0.06 14.53 -4.71
C VAL B 122 0.96 15.09 -3.61
N LEU B 123 1.47 14.22 -2.73
CA LEU B 123 2.20 14.69 -1.55
C LEU B 123 3.70 14.77 -1.85
N CYS B 124 4.04 15.60 -2.84
CA CYS B 124 5.42 15.67 -3.30
C CYS B 124 6.27 16.62 -2.45
N GLN B 125 7.58 16.46 -2.57
CA GLN B 125 8.50 17.34 -1.87
C GLN B 125 8.31 18.77 -2.36
N GLY B 126 8.37 19.71 -1.44
CA GLY B 126 8.10 21.11 -1.74
C GLY B 126 6.67 21.49 -1.43
N PHE B 127 5.74 20.56 -1.66
CA PHE B 127 4.35 20.78 -1.33
C PHE B 127 3.97 20.30 0.07
N ALA B 128 4.19 19.00 0.33
CA ALA B 128 3.75 18.36 1.57
C ALA B 128 4.82 18.28 2.66
N PHE B 129 6.08 18.25 2.24
CA PHE B 129 7.23 18.18 3.15
C PHE B 129 8.45 18.75 2.46
N ASP B 130 9.46 19.11 3.22
CA ASP B 130 10.77 19.48 2.71
C ASP B 130 11.79 18.66 3.48
N ILE B 131 13.01 18.59 2.96
CA ILE B 131 14.12 17.98 3.69
C ILE B 131 15.14 19.08 3.95
N PRO B 132 15.11 19.67 5.17
CA PRO B 132 14.26 19.37 6.32
C PRO B 132 12.87 19.99 6.23
N GLY B 133 11.98 19.57 7.12
CA GLY B 133 10.61 20.05 7.12
C GLY B 133 9.62 18.89 7.00
N PHE B 134 9.68 17.99 7.98
CA PHE B 134 8.79 16.83 8.01
C PHE B 134 8.46 16.46 9.45
N TYR B 135 7.61 15.46 9.61
CA TYR B 135 6.94 15.18 10.88
C TYR B 135 6.38 16.48 11.46
N ASP B 136 6.75 16.87 12.67
CA ASP B 136 6.11 18.04 13.26
C ASP B 136 6.43 19.34 12.51
N SER B 137 7.42 19.30 11.63
CA SER B 137 7.78 20.44 10.81
C SER B 137 7.29 20.29 9.35
N GLY B 138 6.45 19.30 9.09
CA GLY B 138 5.92 19.10 7.76
C GLY B 138 5.11 20.29 7.26
N LEU B 139 4.96 20.41 5.94
CA LEU B 139 4.40 21.62 5.34
C LEU B 139 2.88 21.69 5.44
N LEU B 140 2.24 20.58 5.78
CA LEU B 140 0.80 20.57 5.97
C LEU B 140 0.42 20.73 7.46
N GLN B 141 1.36 21.24 8.24
CA GLN B 141 1.06 21.53 9.63
C GLN B 141 -0.13 22.49 9.75
N GLY B 142 -0.92 22.31 10.81
CA GLY B 142 -2.13 23.09 10.99
C GLY B 142 -3.36 22.42 10.43
N LYS B 143 -3.15 21.39 9.62
CA LYS B 143 -4.26 20.62 9.05
C LYS B 143 -4.47 19.34 9.84
N LEU B 144 -5.71 18.86 9.76
CA LEU B 144 -6.10 17.59 10.35
C LEU B 144 -6.36 16.55 9.26
N ALA B 145 -6.09 15.30 9.59
CA ALA B 145 -6.39 14.19 8.70
C ALA B 145 -7.05 13.08 9.49
N LEU B 146 -7.87 12.28 8.82
CA LEU B 146 -8.63 11.23 9.47
C LEU B 146 -8.82 10.09 8.49
N LEU B 147 -8.47 8.87 8.89
CA LEU B 147 -8.72 7.69 8.09
C LEU B 147 -10.05 7.06 8.49
N SER B 148 -10.97 6.98 7.53
CA SER B 148 -12.21 6.25 7.72
C SER B 148 -12.18 5.00 6.83
N VAL B 149 -11.99 3.86 7.49
CA VAL B 149 -11.64 2.60 6.87
C VAL B 149 -12.73 1.58 7.11
N THR B 150 -13.02 0.77 6.11
CA THR B 150 -13.88 -0.39 6.28
C THR B 150 -13.06 -1.67 6.07
N THR B 151 -13.44 -2.76 6.73
CA THR B 151 -12.68 -4.01 6.63
C THR B 151 -13.54 -5.21 6.28
N GLY B 152 -12.88 -6.26 5.78
CA GLY B 152 -13.49 -7.58 5.77
C GLY B 152 -13.41 -8.24 7.14
N GLY B 153 -12.28 -8.10 7.80
CA GLY B 153 -12.07 -8.73 9.11
C GLY B 153 -12.88 -8.08 10.23
N THR B 154 -13.24 -8.90 11.21
CA THR B 154 -13.98 -8.40 12.37
C THR B 154 -13.05 -7.68 13.35
N ALA B 155 -13.65 -6.90 14.24
CA ALA B 155 -12.89 -6.24 15.29
C ALA B 155 -12.08 -7.26 16.07
N GLU B 156 -12.68 -8.41 16.37
CA GLU B 156 -12.02 -9.47 17.14
C GLU B 156 -10.79 -10.01 16.41
N MET B 157 -10.88 -10.14 15.09
CA MET B 157 -9.75 -10.60 14.29
C MET B 157 -8.59 -9.59 14.37
N TYR B 158 -8.93 -8.32 14.47
CA TYR B 158 -7.95 -7.23 14.55
C TYR B 158 -7.68 -6.77 15.97
N THR B 159 -7.30 -7.73 16.80
CA THR B 159 -6.83 -7.47 18.15
C THR B 159 -5.46 -8.09 18.30
N LYS B 160 -4.74 -7.70 19.33
CA LYS B 160 -3.38 -8.15 19.56
C LYS B 160 -3.25 -9.67 19.52
N THR B 161 -4.19 -10.37 20.14
N THR B 161 -4.23 -10.38 20.07
CA THR B 161 -4.07 -11.83 20.28
CA THR B 161 -4.19 -11.84 20.09
C THR B 161 -4.53 -12.58 19.04
C THR B 161 -4.90 -12.47 18.88
N GLY B 162 -5.02 -11.84 18.04
N GLY B 162 -5.55 -11.64 18.06
CA GLY B 162 -5.41 -12.44 16.79
CA GLY B 162 -6.29 -12.11 16.91
C GLY B 162 -4.22 -12.51 15.85
C GLY B 162 -5.39 -12.39 15.71
N VAL B 163 -4.21 -13.49 14.97
N VAL B 163 -5.92 -13.02 14.67
CA VAL B 163 -3.11 -13.61 14.01
CA VAL B 163 -5.11 -13.47 13.55
C VAL B 163 -2.96 -12.35 13.15
C VAL B 163 -4.37 -12.33 12.86
N ASN B 164 -4.07 -11.68 12.83
N ASN B 164 -5.07 -11.21 12.68
CA ASN B 164 -4.05 -10.46 12.03
CA ASN B 164 -4.51 -10.07 11.95
C ASN B 164 -3.54 -9.25 12.80
C ASN B 164 -3.65 -9.14 12.80
N GLY B 165 -3.56 -9.36 14.11
CA GLY B 165 -2.96 -8.35 14.98
C GLY B 165 -3.87 -7.15 15.20
N ASP B 166 -3.47 -6.27 16.10
CA ASP B 166 -4.31 -5.13 16.43
C ASP B 166 -4.48 -4.22 15.23
N SER B 167 -5.65 -3.61 15.11
CA SER B 167 -5.94 -2.73 13.99
C SER B 167 -4.94 -1.58 13.89
N ARG B 168 -4.45 -1.08 15.02
CA ARG B 168 -3.53 0.04 14.99
C ARG B 168 -2.22 -0.30 14.28
N TYR B 169 -1.86 -1.58 14.26
CA TYR B 169 -0.60 -1.97 13.64
C TYR B 169 -0.56 -1.56 12.18
N PHE B 170 -1.64 -1.80 11.44
CA PHE B 170 -1.65 -1.48 10.00
C PHE B 170 -1.84 0.00 9.71
N LEU B 171 -2.21 0.79 10.72
CA LEU B 171 -2.35 2.23 10.51
C LEU B 171 -1.01 2.95 10.42
N TRP B 172 0.05 2.31 10.92
CA TRP B 172 1.34 2.97 11.05
C TRP B 172 1.88 3.64 9.76
N PRO B 173 1.91 2.91 8.62
CA PRO B 173 2.47 3.54 7.41
C PRO B 173 1.63 4.71 6.93
N LEU B 174 0.33 4.66 7.21
CA LEU B 174 -0.61 5.69 6.75
C LEU B 174 -0.61 6.89 7.69
N GLN B 175 -0.88 6.66 8.97
CA GLN B 175 -0.96 7.75 9.92
C GLN B 175 0.40 8.37 10.19
N HIS B 176 1.40 7.53 10.45
CA HIS B 176 2.72 8.05 10.80
C HIS B 176 3.62 8.29 9.60
N GLY B 177 3.82 7.26 8.77
CA GLY B 177 4.75 7.36 7.67
C GLY B 177 4.34 8.35 6.61
N THR B 178 3.04 8.62 6.51
CA THR B 178 2.53 9.51 5.46
C THR B 178 1.96 10.79 6.07
N LEU B 179 0.89 10.69 6.85
CA LEU B 179 0.17 11.89 7.28
C LEU B 179 0.99 12.73 8.27
N HIS B 180 1.47 12.10 9.33
CA HIS B 180 2.31 12.80 10.30
C HIS B 180 3.59 13.32 9.63
N PHE B 181 4.17 12.52 8.75
CA PHE B 181 5.38 12.93 8.05
C PHE B 181 5.17 14.27 7.33
N CYS B 182 3.98 14.46 6.78
CA CYS B 182 3.66 15.72 6.07
C CYS B 182 3.18 16.84 7.00
N GLY B 183 3.16 16.59 8.30
CA GLY B 183 2.81 17.62 9.27
C GLY B 183 1.37 17.60 9.74
N PHE B 184 0.53 16.72 9.20
CA PHE B 184 -0.84 16.66 9.67
C PHE B 184 -0.86 16.25 11.13
N LYS B 185 -1.83 16.78 11.85
CA LYS B 185 -2.27 16.16 13.08
C LYS B 185 -3.34 15.15 12.71
N VAL B 186 -3.31 14.00 13.37
CA VAL B 186 -4.13 12.86 12.99
C VAL B 186 -5.23 12.64 14.00
N LEU B 187 -6.47 12.74 13.55
CA LEU B 187 -7.63 12.42 14.37
C LEU B 187 -7.76 10.90 14.45
N ALA B 188 -8.40 10.42 15.50
CA ALA B 188 -8.56 8.99 15.70
C ALA B 188 -9.22 8.36 14.47
N PRO B 189 -8.74 7.18 14.07
CA PRO B 189 -9.36 6.54 12.92
C PRO B 189 -10.82 6.14 13.17
N GLN B 190 -11.61 6.15 12.11
CA GLN B 190 -12.93 5.55 12.14
C GLN B 190 -12.82 4.22 11.42
N ILE B 191 -12.97 3.12 12.15
CA ILE B 191 -12.90 1.80 11.52
C ILE B 191 -14.24 1.13 11.65
N SER B 192 -14.87 0.93 10.51
CA SER B 192 -16.15 0.26 10.41
C SER B 192 -15.86 -1.18 10.04
N PHE B 193 -15.90 -2.06 11.04
CA PHE B 193 -15.46 -3.44 10.87
C PHE B 193 -16.51 -4.31 10.18
N ALA B 194 -16.07 -5.04 9.17
CA ALA B 194 -16.82 -6.18 8.64
C ALA B 194 -18.29 -5.89 8.31
N PRO B 195 -18.55 -4.87 7.49
CA PRO B 195 -19.95 -4.60 7.13
C PRO B 195 -20.60 -5.74 6.35
N GLU B 196 -19.81 -6.52 5.63
CA GLU B 196 -20.36 -7.61 4.83
C GLU B 196 -20.93 -8.70 5.75
N ILE B 197 -20.30 -8.92 6.90
CA ILE B 197 -20.73 -9.93 7.88
C ILE B 197 -21.87 -9.39 8.75
N ALA B 198 -21.88 -8.07 8.93
CA ALA B 198 -22.84 -7.40 9.80
C ALA B 198 -24.27 -7.56 9.30
N SER B 199 -25.23 -7.54 10.22
CA SER B 199 -26.64 -7.45 9.85
C SER B 199 -26.96 -6.03 9.37
N GLU B 200 -28.09 -5.88 8.68
CA GLU B 200 -28.44 -4.57 8.13
C GLU B 200 -28.61 -3.54 9.24
N GLU B 201 -29.10 -3.99 10.40
CA GLU B 201 -29.23 -3.12 11.54
C GLU B 201 -27.86 -2.68 12.06
N GLU B 202 -26.91 -3.61 12.10
CA GLU B 202 -25.56 -3.29 12.55
C GLU B 202 -24.89 -2.34 11.55
N ARG B 203 -25.14 -2.56 10.26
CA ARG B 203 -24.61 -1.66 9.24
C ARG B 203 -25.19 -0.25 9.39
N LYS B 204 -26.50 -0.15 9.56
CA LYS B 204 -27.12 1.16 9.76
C LYS B 204 -26.52 1.83 11.00
N GLY B 205 -26.26 1.04 12.03
CA GLY B 205 -25.65 1.54 13.24
C GLY B 205 -24.25 2.11 13.03
N MET B 206 -23.45 1.45 12.21
CA MET B 206 -22.11 1.93 11.92
C MET B 206 -22.14 3.23 11.14
N VAL B 207 -23.09 3.36 10.21
CA VAL B 207 -23.22 4.60 9.45
C VAL B 207 -23.67 5.73 10.38
N ALA B 208 -24.67 5.46 11.22
CA ALA B 208 -25.13 6.47 12.17
C ALA B 208 -24.05 6.86 13.17
N ALA B 209 -23.19 5.91 13.56
CA ALA B 209 -22.10 6.21 14.50
C ALA B 209 -21.11 7.20 13.92
N TRP B 210 -20.80 7.03 12.63
CA TRP B 210 -19.92 7.96 11.92
C TRP B 210 -20.57 9.36 11.83
N SER B 211 -21.84 9.41 11.42
CA SER B 211 -22.54 10.68 11.34
C SER B 211 -22.53 11.38 12.70
N GLN B 212 -22.82 10.62 13.75
CA GLN B 212 -22.90 11.17 15.09
C GLN B 212 -21.52 11.68 15.53
N ARG B 213 -20.47 10.94 15.22
CA ARG B 213 -19.14 11.39 15.54
C ARG B 213 -18.83 12.72 14.83
N LEU B 214 -19.22 12.81 13.56
CA LEU B 214 -18.93 14.01 12.78
C LEU B 214 -19.56 15.27 13.39
N GLN B 215 -20.68 15.11 14.10
CA GLN B 215 -21.33 16.27 14.72
C GLN B 215 -20.38 17.04 15.63
N THR B 216 -19.47 16.32 16.29
CA THR B 216 -18.54 16.94 17.24
C THR B 216 -17.06 16.82 16.82
N ILE B 217 -16.82 16.62 15.54
CA ILE B 217 -15.47 16.36 15.04
C ILE B 217 -14.51 17.54 15.33
N TRP B 218 -15.03 18.76 15.28
CA TRP B 218 -14.20 19.95 15.44
C TRP B 218 -13.77 20.18 16.89
N LYS B 219 -14.33 19.40 17.80
CA LYS B 219 -13.93 19.47 19.21
C LYS B 219 -12.91 18.41 19.61
N GLU B 220 -12.61 17.48 18.69
CA GLU B 220 -11.71 16.39 19.01
C GLU B 220 -10.26 16.86 19.07
N GLU B 221 -9.46 16.20 19.91
CA GLU B 221 -8.00 16.34 19.87
C GLU B 221 -7.42 15.25 18.98
N PRO B 222 -6.27 15.52 18.35
CA PRO B 222 -5.60 14.45 17.61
C PRO B 222 -5.01 13.40 18.53
N ILE B 223 -4.70 12.26 17.95
CA ILE B 223 -3.97 11.23 18.67
C ILE B 223 -2.50 11.61 18.76
N PRO B 224 -1.79 11.01 19.72
CA PRO B 224 -0.35 11.14 19.73
C PRO B 224 0.18 10.11 18.72
N CYS B 225 0.59 10.60 17.56
CA CYS B 225 0.92 9.69 16.47
C CYS B 225 2.35 9.18 16.64
N THR B 226 2.47 8.24 17.58
CA THR B 226 3.77 7.73 18.01
C THR B 226 3.80 6.21 17.93
N ALA B 227 4.99 5.63 18.02
CA ALA B 227 5.11 4.18 18.05
C ALA B 227 4.34 3.60 19.24
N HIS B 228 4.37 4.28 20.38
CA HIS B 228 3.66 3.75 21.54
C HIS B 228 2.15 3.68 21.28
N TRP B 229 1.58 4.71 20.68
CA TRP B 229 0.15 4.66 20.40
C TRP B 229 -0.17 3.47 19.51
N HIS B 230 0.65 3.23 18.50
CA HIS B 230 0.37 2.16 17.53
C HIS B 230 0.67 0.75 18.03
N PHE B 231 1.71 0.60 18.85
CA PHE B 231 2.24 -0.74 19.16
C PHE B 231 2.22 -1.09 20.64
N GLY B 232 2.03 -0.10 21.51
CA GLY B 232 2.01 -0.33 22.94
C GLY B 232 3.41 -0.45 23.49
N GLN B 233 3.49 -0.92 24.73
CA GLN B 233 4.76 -1.11 25.40
C GLN B 233 5.31 -2.49 25.09
PA FAD C . 18.63 5.94 -7.40
O1A FAD C . 18.26 5.33 -8.78
O2A FAD C . 18.49 7.50 -7.37
O5B FAD C . 20.10 5.52 -7.13
C5B FAD C . 20.97 6.13 -6.23
C4B FAD C . 22.36 6.13 -6.75
O4B FAD C . 22.90 4.78 -6.91
C3B FAD C . 22.38 6.74 -8.11
O3B FAD C . 23.37 7.66 -8.24
C2B FAD C . 22.64 5.65 -9.00
O2B FAD C . 23.30 6.09 -10.14
C1B FAD C . 23.48 4.75 -8.15
N9A FAD C . 23.58 3.41 -8.72
C8A FAD C . 22.74 2.74 -9.55
N7A FAD C . 23.25 1.53 -9.79
C5A FAD C . 24.42 1.42 -9.10
C6A FAD C . 25.38 0.43 -8.95
N6A FAD C . 25.24 -0.83 -9.60
N1A FAD C . 26.44 0.66 -8.16
C2A FAD C . 26.61 1.82 -7.52
N3A FAD C . 25.71 2.80 -7.65
C4A FAD C . 24.62 2.61 -8.43
N1 FAD C . 12.06 6.95 1.52
C2 FAD C . 11.87 6.49 2.86
O2 FAD C . 12.83 6.17 3.57
N3 FAD C . 10.53 6.40 3.33
C4 FAD C . 9.40 6.73 2.59
O4 FAD C . 8.30 6.60 3.07
C4X FAD C . 9.61 7.23 1.22
N5 FAD C . 8.55 7.60 0.44
C5X FAD C . 8.78 8.03 -0.80
C6 FAD C . 7.68 8.38 -1.59
C7 FAD C . 7.87 8.83 -2.89
C7M FAD C . 6.67 9.20 -3.75
C8 FAD C . 9.16 8.91 -3.42
C8M FAD C . 9.40 9.40 -4.82
C9 FAD C . 10.24 8.57 -2.63
C9A FAD C . 10.05 8.11 -1.32
N10 FAD C . 11.12 7.76 -0.55
C10 FAD C . 10.93 7.32 0.72
C1' FAD C . 12.51 7.81 -1.12
C2' FAD C . 12.81 6.56 -1.96
O2' FAD C . 12.58 5.34 -1.27
C3' FAD C . 14.23 6.55 -2.50
O3' FAD C . 14.30 7.68 -3.31
C4' FAD C . 14.57 5.29 -3.26
O4' FAD C . 14.57 4.18 -2.46
C5' FAD C . 15.93 5.38 -3.91
O5' FAD C . 16.21 4.27 -4.73
P FAD C . 16.48 4.49 -6.26
O1P FAD C . 15.41 5.41 -6.93
O2P FAD C . 16.66 3.12 -6.91
O3P FAD C . 17.84 5.25 -6.20
H51A FAD C . 20.95 5.65 -5.36
H52A FAD C . 20.69 7.07 -6.09
H4B FAD C . 22.95 6.64 -6.18
H3B FAD C . 21.51 7.17 -8.32
HO3A FAD C . 23.91 7.44 -8.92
H2B FAD C . 21.82 5.22 -9.20
HO2A FAD C . 23.35 5.40 -10.75
H1B FAD C . 24.36 5.14 -8.15
H8A FAD C . 21.91 3.10 -9.92
H61A FAD C . 24.57 -0.96 -10.19
H62A FAD C . 25.84 -1.49 -9.43
H2A FAD C . 27.40 1.95 -6.96
HN3 FAD C . 10.53 6.10 4.16
H6 FAD C . 6.77 8.31 -1.23
HM71 FAD C . 6.73 10.14 -4.01
HM72 FAD C . 5.85 9.04 -3.26
HM73 FAD C . 6.67 8.65 -4.57
HM81 FAD C . 10.34 9.24 -5.06
HM82 FAD C . 9.22 10.35 -4.87
HM83 FAD C . 8.82 8.90 -5.45
H9 FAD C . 11.12 8.63 -2.98
H1'1 FAD C . 13.16 7.88 -0.39
H1'2 FAD C . 12.60 8.59 -1.70
H2' FAD C . 12.24 6.56 -2.74
HO2' FAD C . 11.69 5.26 -1.07
H3' FAD C . 14.85 6.62 -1.76
HO3' FAD C . 14.79 8.31 -2.90
H4' FAD C . 13.90 5.14 -3.94
HO4' FAD C . 13.75 4.00 -2.21
H5'1 FAD C . 16.60 5.43 -3.21
H5'2 FAD C . 15.97 6.19 -4.45
CL 0TX D . -8.21 -9.78 -0.67
CL 0TX D . -7.17 -9.66 1.43
N1 0TX D . -5.43 -9.66 3.58
N1 0TX D . -10.59 -10.49 5.01
C1 0TX D . -5.24 -9.78 4.89
C1 0TX D . -11.82 -10.70 5.43
C2 0TX D . -6.28 -10.11 5.74
C2 0TX D . -12.90 -10.71 4.57
C3 0TX D . -7.55 -10.29 5.21
C3 0TX D . -12.71 -10.50 3.21
C4 0TX D . -7.74 -10.17 3.80
C4 0TX D . -11.38 -10.30 2.77
C5 0TX D . -8.99 -10.35 3.20
C5 0TX D . -11.11 -10.09 1.41
C6 0TX D . -9.13 -10.22 1.83
C6 0TX D . -9.79 -9.89 1.02
C7 0TX D . -8.03 -9.92 1.05
C7 0TX D . -8.79 -9.90 1.95
C8 0TX D . -6.78 -9.73 1.63
C8 0TX D . -9.02 -10.10 3.29
C9 0TX D . -6.61 -9.84 3.01
C9 0TX D . -10.33 -10.30 3.73
N2 0TX D . -8.69 -10.62 6.06
N2 0TX D . -13.79 -10.50 2.23
C10 0TX D . -8.49 -11.05 7.44
C10 0TX D . -15.12 -11.00 2.57
C11 0TX D . -9.63 -11.96 7.88
C11 0TX D . -15.80 -11.64 1.37
C12 0TX D . -9.71 -13.22 7.00
C12 0TX D . -17.32 -11.45 1.52
C13 0TX D . -10.91 -14.03 7.51
C13 0TX D . -18.00 -12.79 1.78
N3 0TX D . -11.16 -15.24 6.69
N3 0TX D . -18.54 -13.34 0.52
C14 0TX D . -12.00 -16.19 7.44
C14 0TX D . -17.49 -13.77 -0.42
C15 0TX D . -13.38 -15.62 7.63
C15 0TX D . -17.02 -15.16 -0.14
C16 0TX D . -9.91 -15.87 6.25
C16 0TX D . -19.52 -14.40 0.80
C17 0TX D . -9.66 -15.55 4.82
C17 0TX D . -19.94 -14.29 2.23
C18 0TX D . -8.42 -9.84 8.30
C18 0TX D . -15.91 -9.87 3.11
ZN ZN E . 3.19 -13.23 9.36
CL 0TX F . 8.37 10.53 1.80
N1 0TX F . 13.03 10.19 3.67
C1 0TX F . 14.36 10.29 3.57
C2 0TX F . 14.98 10.68 2.40
C3 0TX F . 14.22 10.98 1.27
C4 0TX F . 12.81 10.86 1.39
C5 0TX F . 11.97 11.15 0.30
C6 0TX F . 10.60 11.04 0.44
C7 0TX F . 10.06 10.65 1.65
C8 0TX F . 10.85 10.36 2.74
C9 0TX F . 12.25 10.46 2.64
N2 0TX F . 14.82 11.39 0.00
C10 0TX F . 16.16 11.98 -0.08
C11 0TX F . 16.21 13.20 -1.02
C12 0TX F . 17.19 12.96 -2.17
C13 0TX F . 17.35 14.23 -3.00
N3 0TX F . 18.32 14.05 -4.13
C14 0TX F . 19.28 15.16 -4.20
C15 0TX F . 19.25 15.80 -5.55
C16 0TX F . 18.97 12.73 -4.18
C17 0TX F . 19.12 12.26 -5.59
C18 0TX F . 17.09 10.89 -0.49
H11 0TX F . 14.91 10.09 4.36
H21 0TX F . 15.95 10.74 2.37
H51 0TX F . 12.35 11.42 -0.54
H61 0TX F . 10.02 11.23 -0.30
H81 0TX F . 10.44 10.09 3.59
HN21 0TX F . 14.35 11.27 -0.77
H101 0TX F . 16.44 12.28 0.80
H112 0TX F . 16.49 13.98 -0.50
H111 0TX F . 15.32 13.35 -1.38
H121 0TX F . 18.05 12.70 -1.80
H122 0TX F . 16.87 12.25 -2.74
H132 0TX F . 17.66 14.95 -2.42
H131 0TX F . 16.48 14.48 -3.35
H142 0TX F . 19.04 15.84 -3.55
H141 0TX F . 20.17 14.84 -4.01
H151 0TX F . 19.89 15.35 -6.14
H153 0TX F . 19.49 16.74 -5.48
H152 0TX F . 18.36 15.73 -5.93
H162 0TX F . 18.45 12.08 -3.69
H161 0TX F . 19.86 12.78 -3.78
H171 0TX F . 19.98 12.53 -5.94
H172 0TX F . 18.41 12.66 -6.13
H173 0TX F . 19.05 11.29 -5.62
H182 0TX F . 16.97 10.12 0.09
H181 0TX F . 16.90 10.64 -1.43
H183 0TX F . 18.00 11.21 -0.42
ZN ZN G . 3.26 9.76 13.95
PA FAD H . -20.14 -3.36 0.79
O1A FAD H . -20.51 -2.28 -0.23
O2A FAD H . -20.12 -4.75 0.12
O5B FAD H . -21.20 -3.26 1.94
C5B FAD H . -21.85 -4.35 2.51
C4B FAD H . -23.32 -4.18 2.52
O4B FAD H . -23.66 -2.91 3.11
C3B FAD H . -23.89 -4.18 1.15
O3B FAD H . -24.87 -5.13 1.05
C2B FAD H . -24.49 -2.90 0.98
O2B FAD H . -25.64 -3.00 0.19
C1B FAD H . -24.77 -2.47 2.40
N9A FAD H . -24.96 -1.02 2.60
C8A FAD H . -24.50 0.01 1.88
N7A FAD H . -24.91 1.15 2.45
C5A FAD H . -25.65 0.82 3.55
C6A FAD H . -26.32 1.56 4.51
N6A FAD H . -26.32 2.99 4.44
N1A FAD H . -26.98 0.93 5.49
C2A FAD H . -26.98 -0.41 5.56
N3A FAD H . -26.34 -1.17 4.64
C4A FAD H . -25.67 -0.56 3.64
N1 FAD H . -10.25 -6.84 4.45
C2 FAD H . -9.42 -6.87 5.61
O2 FAD H . -9.92 -6.95 6.75
N3 FAD H . -8.01 -6.83 5.40
C4 FAD H . -7.39 -6.72 4.14
O4 FAD H . -6.17 -6.67 4.07
C4X FAD H . -8.26 -6.70 2.95
N5 FAD H . -7.76 -6.64 1.68
C5X FAD H . -8.58 -6.60 0.64
C6 FAD H . -8.01 -6.52 -0.64
C7 FAD H . -8.84 -6.48 -1.76
C7M FAD H . -8.24 -6.35 -3.16
C8 FAD H . -10.21 -6.53 -1.59
C8M FAD H . -11.14 -6.50 -2.76
C9 FAD H . -10.76 -6.63 -0.32
C9A FAD H . -9.94 -6.66 0.80
N10 FAD H . -10.48 -6.74 2.04
C10 FAD H . -9.66 -6.75 3.14
C1' FAD H . -11.97 -6.74 2.24
C2' FAD H . -12.52 -5.31 2.15
O2' FAD H . -11.86 -4.39 3.03
C3' FAD H . -14.02 -5.25 2.36
O3' FAD H . -14.54 -6.01 1.30
C4' FAD H . -14.53 -3.84 2.36
O4' FAD H . -14.05 -3.13 3.42
C5' FAD H . -16.06 -3.76 2.41
O5' FAD H . -16.56 -2.44 2.30
P FAD H . -17.55 -2.17 1.09
O1P FAD H . -16.97 -2.71 -0.25
O2P FAD H . -17.95 -0.69 1.10
O3P FAD H . -18.75 -3.07 1.54
H51A FAD H . -21.53 -4.47 3.45
H52A FAD H . -21.62 -5.16 1.99
H4B FAD H . -23.73 -4.89 3.03
H3B FAD H . -23.20 -4.34 0.47
HO3A FAD H . -24.87 -5.48 0.23
H2B FAD H . -23.85 -2.30 0.59
HO2A FAD H . -26.15 -3.69 0.50
H1B FAD H . -25.57 -2.92 2.66
H8A FAD H . -23.94 -0.05 1.08
H61A FAD H . -25.95 3.39 3.74
H62A FAD H . -26.70 3.47 5.12
H2A FAD H . -27.47 -0.85 6.29
HN3 FAD H . -7.59 -6.85 6.17
H6 FAD H . -7.04 -6.47 -0.74
HM71 FAD H . -8.47 -7.13 -3.69
HM72 FAD H . -7.27 -6.29 -3.10
HM73 FAD H . -8.58 -5.54 -3.59
HM81 FAD H . -12.06 -6.38 -2.45
HM82 FAD H . -11.08 -7.34 -3.25
HM83 FAD H . -10.90 -5.74 -3.37
H9 FAD H . -11.70 -6.64 -0.23
H1'1 FAD H . -12.18 -7.12 3.11
H1'2 FAD H . -12.38 -7.28 1.55
H2' FAD H . -12.38 -4.99 1.25
HO2' FAD H . -12.38 -4.23 3.76
H3' FAD H . -14.26 -5.65 3.20
HO3' FAD H . -15.39 -6.17 1.45
H4' FAD H . -14.23 -3.38 1.56
HO4' FAD H . -14.70 -2.68 3.80
H5'1 FAD H . -16.35 -4.14 3.25
H5'2 FAD H . -16.42 -4.30 1.68
#